data_5MHT
#
_entry.id   5MHT
#
_cell.length_a   99.860
_cell.length_b   99.860
_cell.length_c   325.200
_cell.angle_alpha   90.00
_cell.angle_beta   90.00
_cell.angle_gamma   120.00
#
_symmetry.space_group_name_H-M   'H 3 2'
#
loop_
_entity.id
_entity.type
_entity.pdbx_description
1 polymer "DNA (5'-D(*CP*CP*AP*TP*GP*(5CM)P*GP*CP*TP*GP*AP*C)-3')"
2 polymer "DNA (5'-D(*GP*TP*CP*AP*GP*CP*GP*CP*AP*TP*GP*G)-3')"
3 polymer 'PROTEIN (HHAI METHYLTRANSFERASE)'
4 non-polymer S-ADENOSYL-L-HOMOCYSTEINE
5 water water
#
loop_
_entity_poly.entity_id
_entity_poly.type
_entity_poly.pdbx_seq_one_letter_code
_entity_poly.pdbx_strand_id
1 'polydeoxyribonucleotide' (DC)(DC)(DA)(DT)(DG)(5CM)(DG)(DC)(DT)(DG)(DA)(DC) C
2 'polydeoxyribonucleotide' (DG)(DT)(DC)(DA)(DG)(DC)(DG)(DC)(DA)(DT)(DG)(DG) D
3 'polypeptide(L)'
;MIEIKDKQLTGLRFIDLFAGLGGFRLALESCGAECVYSNEWDKYAQEVYEMNFGEKPEGDITQVNEKTIPDHDILCAGFP
CQAFSISGKQKGFEDSRGTLFFDIARIVREKKPKVVFMENVKNFASHDNGNTLEVVKNTMNELDYSFHAKVLNALDYGIP
QKRERIYMICFRNDLNIQNFQFPKPFELNTFVKDLLLPDSEVEHLVIDRKDLVMTNQEIEQTTPKTVRLGIVGKGGQGER
IYSTRGIAITLSAYGGGIFAKTGGYLVNGKTRKLHPRECARVMGYPDSYKVHPSTSQAYKQFGNSVVINVLQYIAYNIGS
SLNFKPY
;
A
#
loop_
_chem_comp.id
_chem_comp.type
_chem_comp.name
_chem_comp.formula
5CM DNA linking 5-METHYL-2'-DEOXY-CYTIDINE-5'-MONOPHOSPHATE 'C10 H16 N3 O7 P'
DA DNA linking 2'-DEOXYADENOSINE-5'-MONOPHOSPHATE 'C10 H14 N5 O6 P'
DC DNA linking 2'-DEOXYCYTIDINE-5'-MONOPHOSPHATE 'C9 H14 N3 O7 P'
DG DNA linking 2'-DEOXYGUANOSINE-5'-MONOPHOSPHATE 'C10 H14 N5 O7 P'
DT DNA linking THYMIDINE-5'-MONOPHOSPHATE 'C10 H15 N2 O8 P'
#
# COMPACT_ATOMS: atom_id res chain seq x y z
N1 5CM A 6 0.87 24.80 -0.38
C2 5CM A 6 0.14 23.62 -0.49
N3 5CM A 6 0.81 22.44 -0.73
C4 5CM A 6 2.15 22.38 -0.82
C5 5CM A 6 2.92 23.59 -0.69
C5A 5CM A 6 4.44 23.63 -0.97
C6 5CM A 6 2.25 24.75 -0.48
O2 5CM A 6 -1.10 23.62 -0.33
N4 5CM A 6 2.77 21.19 -1.01
C1' 5CM A 6 0.15 26.13 -0.15
C2' 5CM A 6 0.43 26.84 1.20
C3' 5CM A 6 0.21 28.34 1.00
C4' 5CM A 6 0.42 28.43 -0.48
O4' 5CM A 6 0.84 27.12 -0.91
O3' 5CM A 6 -1.16 28.75 1.24
C5' 5CM A 6 1.45 29.54 -0.84
O5' 5CM A 6 2.79 29.29 -0.33
P 5CM A 6 3.98 29.99 -1.13
OP1 5CM A 6 3.70 31.41 -0.96
OP2 5CM A 6 5.26 29.40 -0.66
N MET C 1 10.37 -7.70 -3.17
CA MET C 1 9.60 -8.72 -2.43
C MET C 1 10.51 -9.81 -1.91
N ILE C 2 9.95 -10.68 -1.08
CA ILE C 2 10.65 -11.78 -0.42
C ILE C 2 10.34 -13.12 -1.12
N GLU C 3 11.15 -14.14 -0.90
CA GLU C 3 10.87 -15.42 -1.54
C GLU C 3 10.14 -16.33 -0.55
N ILE C 4 9.14 -17.05 -1.04
CA ILE C 4 8.39 -17.94 -0.16
C ILE C 4 8.49 -19.38 -0.61
N LYS C 5 9.04 -20.23 0.25
CA LYS C 5 9.20 -21.65 -0.05
C LYS C 5 7.99 -22.52 0.33
N ASP C 6 7.32 -22.18 1.43
CA ASP C 6 6.15 -22.90 1.89
C ASP C 6 4.88 -22.21 1.37
N LYS C 7 4.26 -22.75 0.32
CA LYS C 7 3.08 -22.09 -0.26
C LYS C 7 1.71 -22.39 0.35
N GLN C 8 1.48 -21.83 1.54
CA GLN C 8 0.23 -22.02 2.29
C GLN C 8 -1.16 -21.84 1.63
N LEU C 9 -1.26 -21.20 0.47
CA LEU C 9 -2.58 -20.96 -0.13
C LEU C 9 -2.90 -21.62 -1.49
N THR C 10 -2.24 -22.73 -1.78
CA THR C 10 -2.40 -23.45 -3.04
C THR C 10 -3.73 -23.65 -3.78
N GLY C 11 -4.80 -24.07 -3.14
CA GLY C 11 -5.99 -24.24 -3.96
C GLY C 11 -7.06 -23.16 -3.85
N LEU C 12 -6.73 -22.02 -3.27
CA LEU C 12 -7.70 -20.94 -3.06
C LEU C 12 -7.81 -19.91 -4.17
N ARG C 13 -9.00 -19.32 -4.33
CA ARG C 13 -9.27 -18.31 -5.37
C ARG C 13 -9.57 -16.95 -4.73
N PHE C 14 -9.20 -15.86 -5.38
CA PHE C 14 -9.45 -14.51 -4.84
C PHE C 14 -9.73 -13.47 -5.95
N ILE C 15 -10.28 -12.30 -5.58
CA ILE C 15 -10.58 -11.21 -6.53
C ILE C 15 -9.83 -9.93 -6.11
N ASP C 16 -9.37 -9.16 -7.10
CA ASP C 16 -8.60 -7.94 -6.91
C ASP C 16 -9.47 -6.68 -7.17
N LEU C 17 -10.05 -6.10 -6.13
CA LEU C 17 -10.88 -4.92 -6.29
C LEU C 17 -10.02 -3.68 -6.02
N PHE C 18 -10.27 -2.60 -6.79
CA PHE C 18 -9.52 -1.35 -6.69
C PHE C 18 -8.07 -1.75 -7.00
N ALA C 19 -7.90 -2.50 -8.09
CA ALA C 19 -6.60 -3.08 -8.44
C ALA C 19 -5.33 -2.26 -8.45
N GLY C 20 -5.36 -1.07 -9.04
CA GLY C 20 -4.16 -0.25 -9.09
C GLY C 20 -3.03 -0.98 -9.79
N LEU C 21 -1.83 -0.98 -9.22
CA LEU C 21 -0.72 -1.67 -9.86
C LEU C 21 -0.77 -3.20 -9.73
N GLY C 22 -1.65 -3.69 -8.85
CA GLY C 22 -1.76 -5.12 -8.62
C GLY C 22 -0.91 -5.54 -7.44
N GLY C 23 -0.70 -4.64 -6.48
CA GLY C 23 0.11 -4.97 -5.32
C GLY C 23 -0.46 -6.16 -4.56
N PHE C 24 -1.78 -6.25 -4.44
CA PHE C 24 -2.36 -7.38 -3.71
C PHE C 24 -2.17 -8.69 -4.48
N ARG C 25 -2.15 -8.63 -5.83
CA ARG C 25 -1.98 -9.83 -6.64
C ARG C 25 -0.57 -10.45 -6.50
N LEU C 26 0.47 -9.63 -6.64
CA LEU C 26 1.84 -10.13 -6.50
C LEU C 26 2.00 -10.90 -5.19
N ALA C 27 1.55 -10.29 -4.09
CA ALA C 27 1.63 -10.88 -2.76
C ALA C 27 0.87 -12.20 -2.64
N LEU C 28 -0.44 -12.22 -2.92
CA LEU C 28 -1.19 -13.49 -2.79
C LEU C 28 -0.75 -14.56 -3.81
N GLU C 29 -0.28 -14.17 -5.00
CA GLU C 29 0.20 -15.16 -5.99
C GLU C 29 1.50 -15.87 -5.52
N SER C 30 2.41 -15.16 -4.85
CA SER C 30 3.62 -15.79 -4.36
C SER C 30 3.35 -16.87 -3.31
N CYS C 31 2.14 -16.90 -2.75
CA CYS C 31 1.76 -17.93 -1.78
C CYS C 31 0.95 -19.07 -2.43
N GLY C 32 0.70 -18.99 -3.74
CA GLY C 32 -0.01 -20.06 -4.42
C GLY C 32 -1.48 -19.91 -4.81
N ALA C 33 -2.10 -18.79 -4.47
CA ALA C 33 -3.51 -18.60 -4.80
C ALA C 33 -3.69 -18.21 -6.29
N GLU C 34 -4.93 -18.25 -6.80
CA GLU C 34 -5.21 -17.92 -8.21
C GLU C 34 -6.20 -16.77 -8.27
N CYS C 35 -6.07 -15.89 -9.26
CA CYS C 35 -6.97 -14.73 -9.41
C CYS C 35 -8.00 -15.00 -10.51
N VAL C 36 -9.27 -14.77 -10.19
CA VAL C 36 -10.37 -15.01 -11.14
C VAL C 36 -11.25 -13.79 -11.51
N TYR C 37 -10.88 -12.60 -11.02
CA TYR C 37 -11.62 -11.37 -11.31
C TYR C 37 -10.81 -10.19 -10.80
N SER C 38 -10.87 -9.06 -11.52
CA SER C 38 -10.16 -7.84 -11.12
C SER C 38 -10.97 -6.66 -11.61
N ASN C 39 -10.95 -5.54 -10.88
CA ASN C 39 -11.72 -4.33 -11.20
C ASN C 39 -10.89 -3.08 -10.94
N GLU C 40 -11.01 -2.07 -11.82
CA GLU C 40 -10.30 -0.77 -11.72
C GLU C 40 -10.77 0.14 -12.86
N TRP C 41 -11.08 1.41 -12.57
CA TRP C 41 -11.58 2.33 -13.61
C TRP C 41 -10.65 3.34 -14.30
N ASP C 42 -9.42 3.49 -13.82
CA ASP C 42 -8.51 4.46 -14.40
C ASP C 42 -7.84 3.97 -15.71
N LYS C 43 -8.04 4.73 -16.79
CA LYS C 43 -7.49 4.40 -18.11
C LYS C 43 -6.04 3.95 -18.08
N TYR C 44 -5.18 4.76 -17.47
CA TYR C 44 -3.75 4.47 -17.40
C TYR C 44 -3.34 3.30 -16.51
N ALA C 45 -4.05 3.11 -15.40
CA ALA C 45 -3.75 1.99 -14.48
C ALA C 45 -4.07 0.66 -15.18
N GLN C 46 -5.14 0.64 -15.96
CA GLN C 46 -5.53 -0.55 -16.74
C GLN C 46 -4.41 -0.87 -17.74
N GLU C 47 -3.73 0.15 -18.26
CA GLU C 47 -2.64 -0.09 -19.20
C GLU C 47 -1.48 -0.84 -18.53
N VAL C 48 -1.06 -0.43 -17.33
CA VAL C 48 0.05 -1.11 -16.63
C VAL C 48 -0.32 -2.51 -16.19
N TYR C 49 -1.49 -2.65 -15.60
CA TYR C 49 -1.94 -3.96 -15.14
C TYR C 49 -1.85 -4.93 -16.30
N GLU C 50 -2.37 -4.53 -17.45
CA GLU C 50 -2.34 -5.42 -18.62
C GLU C 50 -0.94 -5.73 -19.12
N MET C 51 -0.04 -4.75 -19.01
CA MET C 51 1.37 -4.90 -19.42
C MET C 51 2.06 -6.01 -18.62
N ASN C 52 1.72 -6.13 -17.33
CA ASN C 52 2.31 -7.11 -16.41
C ASN C 52 1.61 -8.44 -16.20
N PHE C 53 0.26 -8.42 -16.22
CA PHE C 53 -0.51 -9.65 -15.98
C PHE C 53 -1.24 -10.23 -17.19
N GLY C 54 -1.49 -9.41 -18.21
CA GLY C 54 -2.16 -9.92 -19.39
C GLY C 54 -3.67 -9.84 -19.53
N GLU C 55 -4.37 -9.18 -18.60
CA GLU C 55 -5.83 -9.06 -18.69
C GLU C 55 -6.26 -7.61 -18.43
N LYS C 56 -7.43 -7.22 -18.90
CA LYS C 56 -7.94 -5.86 -18.71
C LYS C 56 -9.01 -5.96 -17.62
N PRO C 57 -8.89 -5.18 -16.53
CA PRO C 57 -9.86 -5.21 -15.44
C PRO C 57 -11.19 -4.52 -15.76
N GLU C 58 -12.29 -5.05 -15.24
CA GLU C 58 -13.61 -4.45 -15.48
C GLU C 58 -13.65 -3.01 -14.95
N GLY C 59 -14.66 -2.24 -15.38
CA GLY C 59 -14.82 -0.85 -14.97
C GLY C 59 -15.67 -0.56 -13.73
N ASP C 60 -15.98 0.70 -13.51
CA ASP C 60 -16.77 1.20 -12.37
C ASP C 60 -17.57 0.19 -11.51
N ILE C 61 -17.11 -0.07 -10.29
CA ILE C 61 -17.77 -1.02 -9.38
C ILE C 61 -19.15 -0.60 -8.90
N THR C 62 -19.46 0.70 -8.92
CA THR C 62 -20.77 1.17 -8.45
C THR C 62 -21.92 0.80 -9.38
N GLN C 63 -21.61 0.32 -10.58
CA GLN C 63 -22.68 -0.10 -11.47
C GLN C 63 -22.54 -1.51 -12.01
N VAL C 64 -21.91 -2.39 -11.22
CA VAL C 64 -21.71 -3.78 -11.57
C VAL C 64 -22.61 -4.59 -10.66
N ASN C 65 -23.30 -5.60 -11.21
CA ASN C 65 -24.20 -6.44 -10.43
C ASN C 65 -23.45 -7.51 -9.64
N GLU C 66 -23.52 -7.41 -8.32
CA GLU C 66 -22.82 -8.35 -7.44
C GLU C 66 -23.09 -9.81 -7.71
N LYS C 67 -24.17 -10.11 -8.43
CA LYS C 67 -24.50 -11.52 -8.73
C LYS C 67 -23.72 -12.11 -9.91
N THR C 68 -23.04 -11.26 -10.67
CA THR C 68 -22.26 -11.76 -11.80
C THR C 68 -20.82 -12.09 -11.43
N ILE C 69 -20.40 -11.67 -10.25
CA ILE C 69 -19.04 -11.88 -9.78
C ILE C 69 -18.79 -13.37 -9.45
N PRO C 70 -17.71 -13.94 -10.00
CA PRO C 70 -17.31 -15.35 -9.81
C PRO C 70 -17.23 -15.78 -8.34
N ASP C 71 -17.42 -17.08 -8.08
CA ASP C 71 -17.34 -17.61 -6.72
C ASP C 71 -15.86 -17.49 -6.36
N HIS C 72 -15.53 -17.26 -5.09
CA HIS C 72 -14.13 -17.09 -4.67
C HIS C 72 -13.96 -17.26 -3.16
N ASP C 73 -12.73 -17.47 -2.70
CA ASP C 73 -12.44 -17.68 -1.28
C ASP C 73 -12.00 -16.45 -0.47
N ILE C 74 -11.21 -15.55 -1.07
CA ILE C 74 -10.69 -14.36 -0.39
C ILE C 74 -10.99 -13.11 -1.23
N LEU C 75 -11.48 -12.05 -0.60
CA LEU C 75 -11.80 -10.78 -1.27
C LEU C 75 -10.73 -9.78 -0.81
N CYS C 76 -10.06 -9.09 -1.75
CA CYS C 76 -9.01 -8.11 -1.41
C CYS C 76 -9.42 -6.67 -1.82
N ALA C 77 -9.22 -5.68 -0.94
CA ALA C 77 -9.57 -4.30 -1.27
C ALA C 77 -8.83 -3.20 -0.54
N GLY C 78 -8.09 -2.40 -1.29
CA GLY C 78 -7.40 -1.28 -0.67
C GLY C 78 -8.31 -0.14 -1.09
N PHE C 79 -9.41 0.11 -0.39
CA PHE C 79 -10.33 1.17 -0.81
C PHE C 79 -9.73 2.60 -0.75
N PRO C 80 -10.38 3.58 -1.41
CA PRO C 80 -9.92 4.98 -1.46
C PRO C 80 -9.73 5.66 -0.10
N CYS C 81 -8.77 6.59 -0.02
CA CYS C 81 -8.46 7.27 1.25
C CYS C 81 -8.48 8.81 1.29
N GLN C 82 -8.66 9.50 0.17
CA GLN C 82 -8.66 10.96 0.20
C GLN C 82 -9.60 11.54 1.25
N ALA C 83 -10.71 10.84 1.50
CA ALA C 83 -11.72 11.31 2.45
C ALA C 83 -11.45 11.03 3.93
N PHE C 84 -10.35 10.33 4.22
CA PHE C 84 -9.98 9.95 5.58
C PHE C 84 -8.55 10.34 5.97
N SER C 85 -7.73 10.73 4.99
CA SER C 85 -6.33 11.08 5.25
C SER C 85 -6.15 12.34 6.08
N ILE C 86 -5.02 12.40 6.78
CA ILE C 86 -4.72 13.53 7.62
C ILE C 86 -4.28 14.77 6.78
N SER C 87 -3.98 14.55 5.49
CA SER C 87 -3.53 15.63 4.61
C SER C 87 -4.67 16.36 3.88
N GLY C 88 -5.85 15.75 3.84
CA GLY C 88 -6.98 16.37 3.16
C GLY C 88 -8.01 16.96 4.09
N LYS C 89 -9.16 17.35 3.52
CA LYS C 89 -10.26 17.89 4.34
C LYS C 89 -10.76 16.60 4.97
N GLN C 90 -11.77 16.62 5.82
CA GLN C 90 -12.13 15.32 6.38
C GLN C 90 -13.60 14.99 6.37
N LYS C 91 -14.22 15.04 5.18
CA LYS C 91 -15.63 14.77 5.03
C LYS C 91 -16.12 13.35 5.30
N GLY C 92 -15.26 12.35 5.13
CA GLY C 92 -15.66 10.98 5.40
C GLY C 92 -16.83 10.41 4.62
N PHE C 93 -17.85 9.88 5.32
CA PHE C 93 -19.02 9.29 4.66
C PHE C 93 -19.89 10.27 3.86
N GLU C 94 -19.71 11.58 4.06
CA GLU C 94 -20.46 12.61 3.33
C GLU C 94 -19.75 12.96 2.01
N ASP C 95 -18.64 12.29 1.72
CA ASP C 95 -17.84 12.56 0.53
C ASP C 95 -18.22 11.64 -0.63
N SER C 96 -18.26 12.19 -1.85
CA SER C 96 -18.60 11.40 -3.04
C SER C 96 -17.63 10.25 -3.26
N ARG C 97 -16.45 10.37 -2.64
CA ARG C 97 -15.43 9.33 -2.73
C ARG C 97 -15.32 8.52 -1.42
N GLY C 98 -16.16 8.82 -0.43
CA GLY C 98 -16.07 8.10 0.84
C GLY C 98 -17.06 6.96 1.12
N THR C 99 -17.91 6.65 0.15
CA THR C 99 -18.91 5.61 0.31
C THR C 99 -18.54 4.22 -0.22
N LEU C 100 -17.35 4.06 -0.79
CA LEU C 100 -16.98 2.77 -1.36
C LEU C 100 -17.09 1.54 -0.47
N PHE C 101 -16.84 1.64 0.82
CA PHE C 101 -16.95 0.47 1.68
C PHE C 101 -18.30 -0.26 1.55
N PHE C 102 -19.38 0.49 1.42
CA PHE C 102 -20.71 -0.09 1.29
C PHE C 102 -20.92 -0.97 0.05
N ASP C 103 -20.03 -0.86 -0.93
CA ASP C 103 -20.15 -1.69 -2.13
C ASP C 103 -19.47 -3.02 -1.85
N ILE C 104 -18.46 -2.97 -0.99
CA ILE C 104 -17.74 -4.17 -0.56
C ILE C 104 -18.81 -4.93 0.22
N ALA C 105 -19.41 -4.26 1.20
CA ALA C 105 -20.46 -4.83 2.03
C ALA C 105 -21.54 -5.48 1.17
N ARG C 106 -21.91 -4.81 0.09
CA ARG C 106 -22.94 -5.30 -0.84
C ARG C 106 -22.53 -6.58 -1.57
N ILE C 107 -21.29 -6.63 -2.01
CA ILE C 107 -20.76 -7.80 -2.71
C ILE C 107 -20.58 -8.93 -1.73
N VAL C 108 -20.19 -8.60 -0.51
CA VAL C 108 -19.96 -9.59 0.55
C VAL C 108 -21.24 -10.35 0.96
N ARG C 109 -22.36 -9.66 0.94
CA ARG C 109 -23.65 -10.24 1.31
C ARG C 109 -24.11 -11.39 0.40
N GLU C 110 -23.78 -11.32 -0.90
CA GLU C 110 -24.15 -12.33 -1.91
C GLU C 110 -23.20 -13.51 -2.10
N LYS C 111 -21.91 -13.21 -2.23
CA LYS C 111 -20.92 -14.25 -2.47
C LYS C 111 -20.41 -14.97 -1.22
N LYS C 112 -20.50 -14.31 -0.07
CA LYS C 112 -20.07 -14.87 1.20
C LYS C 112 -18.72 -15.61 1.20
N PRO C 113 -17.60 -14.90 0.91
CA PRO C 113 -16.29 -15.55 0.89
C PRO C 113 -15.79 -15.91 2.30
N LYS C 114 -14.71 -16.67 2.38
CA LYS C 114 -14.17 -17.09 3.67
C LYS C 114 -13.40 -16.00 4.36
N VAL C 115 -12.60 -15.23 3.61
CA VAL C 115 -11.80 -14.15 4.17
C VAL C 115 -11.96 -12.81 3.46
N VAL C 116 -11.86 -11.71 4.22
CA VAL C 116 -11.91 -10.35 3.69
C VAL C 116 -10.63 -9.67 4.22
N PHE C 117 -9.81 -9.16 3.29
CA PHE C 117 -8.51 -8.55 3.58
C PHE C 117 -8.53 -7.11 3.01
N MET C 118 -8.60 -6.11 3.88
CA MET C 118 -8.65 -4.68 3.48
C MET C 118 -7.49 -3.84 4.03
N GLU C 119 -7.24 -2.68 3.42
CA GLU C 119 -6.15 -1.78 3.82
C GLU C 119 -6.58 -0.32 3.66
N ASN C 120 -6.19 0.54 4.59
CA ASN C 120 -6.45 1.97 4.48
C ASN C 120 -5.44 2.75 5.32
N VAL C 121 -5.50 4.09 5.35
CA VAL C 121 -4.53 4.89 6.09
C VAL C 121 -4.66 4.93 7.63
N LYS C 122 -3.60 5.35 8.32
CA LYS C 122 -3.58 5.37 9.79
C LYS C 122 -4.69 6.16 10.48
N ASN C 123 -4.97 7.35 9.95
CA ASN C 123 -6.01 8.21 10.51
C ASN C 123 -7.44 7.63 10.43
N PHE C 124 -7.62 6.55 9.68
CA PHE C 124 -8.93 5.89 9.56
C PHE C 124 -9.31 5.28 10.92
N ALA C 125 -8.32 4.87 11.70
CA ALA C 125 -8.56 4.26 13.01
C ALA C 125 -8.92 5.28 14.08
N SER C 126 -8.76 6.54 13.74
CA SER C 126 -9.01 7.60 14.69
C SER C 126 -10.05 8.62 14.24
N HIS C 127 -10.39 8.59 12.95
CA HIS C 127 -11.37 9.53 12.37
C HIS C 127 -12.71 9.50 13.11
N ASP C 128 -13.32 10.69 13.21
CA ASP C 128 -14.63 10.89 13.82
C ASP C 128 -14.75 10.21 15.19
N ASN C 129 -13.74 10.41 16.03
CA ASN C 129 -13.70 9.84 17.38
C ASN C 129 -13.84 8.32 17.45
N GLY C 130 -13.47 7.63 16.38
CA GLY C 130 -13.58 6.18 16.37
C GLY C 130 -14.90 5.67 15.80
N ASN C 131 -15.80 6.58 15.43
CA ASN C 131 -17.08 6.16 14.88
C ASN C 131 -16.98 5.45 13.53
N THR C 132 -16.05 5.90 12.71
CA THR C 132 -15.87 5.27 11.40
C THR C 132 -15.38 3.82 11.57
N LEU C 133 -14.44 3.57 12.47
CA LEU C 133 -13.96 2.22 12.67
C LEU C 133 -15.08 1.35 13.23
N GLU C 134 -15.90 1.89 14.12
CA GLU C 134 -16.99 1.11 14.67
C GLU C 134 -18.08 0.76 13.64
N VAL C 135 -18.41 1.69 12.74
CA VAL C 135 -19.40 1.40 11.70
C VAL C 135 -18.90 0.22 10.87
N VAL C 136 -17.61 0.22 10.52
CA VAL C 136 -17.02 -0.88 9.76
C VAL C 136 -17.09 -2.19 10.55
N LYS C 137 -16.64 -2.17 11.79
CA LYS C 137 -16.66 -3.36 12.67
C LYS C 137 -18.05 -3.98 12.85
N ASN C 138 -19.02 -3.17 13.29
CA ASN C 138 -20.40 -3.60 13.48
C ASN C 138 -21.07 -4.10 12.19
N THR C 139 -20.81 -3.47 11.05
CA THR C 139 -21.40 -3.94 9.78
C THR C 139 -20.85 -5.35 9.51
N MET C 140 -19.59 -5.55 9.84
CA MET C 140 -18.93 -6.84 9.63
C MET C 140 -19.48 -7.95 10.56
N ASN C 141 -19.72 -7.63 11.83
CA ASN C 141 -20.28 -8.61 12.76
C ASN C 141 -21.69 -9.02 12.29
N GLU C 142 -22.49 -8.02 11.88
CA GLU C 142 -23.85 -8.23 11.41
C GLU C 142 -23.90 -9.19 10.23
N LEU C 143 -22.89 -9.14 9.37
CA LEU C 143 -22.84 -10.04 8.22
C LEU C 143 -22.33 -11.45 8.64
N ASP C 144 -22.05 -11.62 9.94
CA ASP C 144 -21.58 -12.89 10.53
C ASP C 144 -20.06 -13.16 10.38
N TYR C 145 -19.24 -12.15 10.65
CA TYR C 145 -17.79 -12.27 10.56
C TYR C 145 -17.14 -11.78 11.86
N SER C 146 -15.89 -12.15 12.09
CA SER C 146 -15.14 -11.66 13.24
C SER C 146 -14.26 -10.52 12.67
N PHE C 147 -13.84 -9.56 13.49
CA PHE C 147 -13.05 -8.43 13.00
C PHE C 147 -11.73 -8.22 13.75
N HIS C 148 -10.62 -8.33 13.02
CA HIS C 148 -9.26 -8.14 13.60
C HIS C 148 -8.64 -6.97 12.85
N ALA C 149 -8.12 -5.99 13.58
CA ALA C 149 -7.54 -4.81 12.94
C ALA C 149 -6.31 -4.29 13.65
N LYS C 150 -5.39 -3.72 12.89
CA LYS C 150 -4.16 -3.17 13.45
C LYS C 150 -3.39 -2.21 12.56
N VAL C 151 -2.57 -1.36 13.19
CA VAL C 151 -1.75 -0.35 12.53
C VAL C 151 -0.28 -0.79 12.58
N LEU C 152 0.30 -1.12 11.42
CA LEU C 152 1.70 -1.55 11.33
C LEU C 152 2.57 -0.57 10.53
N ASN C 153 3.78 -0.28 11.01
CA ASN C 153 4.72 0.62 10.35
C ASN C 153 5.72 -0.20 9.51
N ALA C 154 5.86 0.08 8.22
CA ALA C 154 6.76 -0.66 7.33
C ALA C 154 8.24 -0.78 7.73
N LEU C 155 8.79 0.19 8.46
CA LEU C 155 10.19 0.12 8.86
C LEU C 155 10.49 -1.08 9.79
N ASP C 156 9.43 -1.68 10.31
CA ASP C 156 9.54 -2.84 11.20
C ASP C 156 9.53 -4.16 10.44
N TYR C 157 9.32 -4.12 9.12
CA TYR C 157 9.28 -5.34 8.32
C TYR C 157 10.24 -5.38 7.13
N GLY C 158 11.39 -4.75 7.30
CA GLY C 158 12.40 -4.77 6.27
C GLY C 158 12.53 -3.71 5.18
N ILE C 159 11.57 -2.79 5.03
CA ILE C 159 11.62 -1.74 4.00
C ILE C 159 11.88 -0.35 4.60
N PRO C 160 12.79 0.43 4.00
CA PRO C 160 13.15 1.79 4.44
C PRO C 160 12.12 2.87 4.16
N GLN C 161 10.95 2.81 4.76
CA GLN C 161 9.95 3.84 4.51
C GLN C 161 9.04 3.96 5.72
N LYS C 162 8.73 5.18 6.11
CA LYS C 162 7.86 5.43 7.25
C LYS C 162 6.36 5.41 6.87
N ARG C 163 5.88 4.36 6.22
CA ARG C 163 4.48 4.28 5.80
C ARG C 163 3.63 3.51 6.82
N GLU C 164 2.79 4.22 7.56
CA GLU C 164 1.91 3.62 8.60
C GLU C 164 0.47 3.35 8.07
N ARG C 165 -0.04 2.14 8.22
CA ARG C 165 -1.38 1.82 7.70
C ARG C 165 -2.17 0.85 8.57
N ILE C 166 -3.50 0.87 8.43
CA ILE C 166 -4.35 -0.03 9.18
C ILE C 166 -4.77 -1.14 8.22
N TYR C 167 -4.57 -2.39 8.66
CA TYR C 167 -4.90 -3.60 7.91
C TYR C 167 -6.06 -4.29 8.64
N MET C 168 -7.10 -4.72 7.93
CA MET C 168 -8.27 -5.34 8.54
C MET C 168 -8.54 -6.71 7.91
N ILE C 169 -8.61 -7.73 8.76
CA ILE C 169 -8.81 -9.11 8.33
C ILE C 169 -10.07 -9.70 9.00
N CYS C 170 -10.93 -10.37 8.23
CA CYS C 170 -12.15 -10.93 8.81
C CYS C 170 -12.44 -12.33 8.28
N PHE C 171 -12.73 -13.26 9.21
CA PHE C 171 -13.02 -14.67 8.88
C PHE C 171 -14.50 -15.00 9.14
N ARG C 172 -15.09 -15.82 8.26
CA ARG C 172 -16.50 -16.27 8.35
C ARG C 172 -16.64 -17.08 9.64
N ASN C 173 -17.77 -16.94 10.34
CA ASN C 173 -17.96 -17.66 11.61
C ASN C 173 -18.07 -19.20 11.66
N ASP C 174 -18.37 -19.88 10.55
CA ASP C 174 -18.49 -21.36 10.58
C ASP C 174 -17.15 -21.99 10.90
N LEU C 175 -16.09 -21.35 10.41
CA LEU C 175 -14.74 -21.82 10.55
C LEU C 175 -14.13 -21.89 11.94
N ASN C 176 -14.56 -21.02 12.85
CA ASN C 176 -14.02 -21.03 14.22
C ASN C 176 -12.51 -20.86 14.28
N ILE C 177 -11.98 -19.84 13.63
CA ILE C 177 -10.55 -19.59 13.63
C ILE C 177 -10.25 -18.86 14.93
N GLN C 178 -9.40 -19.44 15.77
CA GLN C 178 -9.08 -18.81 17.05
C GLN C 178 -7.59 -18.55 17.28
N ASN C 179 -6.76 -18.69 16.25
CA ASN C 179 -5.32 -18.49 16.38
C ASN C 179 -4.64 -17.53 15.39
N PHE C 180 -5.39 -16.60 14.81
CA PHE C 180 -4.78 -15.66 13.88
C PHE C 180 -3.95 -14.66 14.66
N GLN C 181 -2.84 -14.23 14.08
CA GLN C 181 -1.96 -13.24 14.71
C GLN C 181 -1.21 -12.41 13.66
N PHE C 182 -0.95 -11.15 14.00
CA PHE C 182 -0.22 -10.25 13.12
C PHE C 182 1.28 -10.60 13.26
N PRO C 183 2.05 -10.49 12.16
CA PRO C 183 3.48 -10.81 12.20
C PRO C 183 4.29 -9.99 13.19
N LYS C 184 5.38 -10.58 13.69
CA LYS C 184 6.24 -9.89 14.66
C LYS C 184 7.30 -9.06 13.94
N PRO C 185 7.67 -7.89 14.51
CA PRO C 185 8.66 -6.92 14.01
C PRO C 185 10.08 -7.41 14.11
N PHE C 186 10.97 -6.80 13.32
CA PHE C 186 12.38 -7.14 13.36
C PHE C 186 13.29 -6.02 12.89
N GLU C 187 14.57 -6.11 13.22
CA GLU C 187 15.59 -5.10 12.89
C GLU C 187 15.83 -4.77 11.43
N LEU C 188 15.92 -3.47 11.14
CA LEU C 188 16.14 -2.98 9.79
C LEU C 188 17.62 -2.97 9.44
N ASN C 189 17.98 -3.57 8.30
CA ASN C 189 19.38 -3.63 7.86
C ASN C 189 19.62 -3.10 6.45
N THR C 190 18.63 -2.40 5.90
CA THR C 190 18.76 -1.81 4.57
C THR C 190 18.28 -0.36 4.73
N PHE C 191 18.97 0.57 4.07
CA PHE C 191 18.58 1.99 4.17
C PHE C 191 18.41 2.61 2.78
N VAL C 192 17.93 3.85 2.71
CA VAL C 192 17.73 4.50 1.41
C VAL C 192 18.96 4.44 0.49
N LYS C 193 20.17 4.63 1.04
CA LYS C 193 21.41 4.59 0.24
C LYS C 193 21.70 3.27 -0.46
N ASP C 194 21.01 2.20 -0.10
CA ASP C 194 21.26 0.89 -0.69
C ASP C 194 20.32 0.55 -1.84
N LEU C 195 19.38 1.44 -2.15
CA LEU C 195 18.44 1.21 -3.24
C LEU C 195 18.63 2.14 -4.42
N LEU C 196 19.44 3.19 -4.24
CA LEU C 196 19.68 4.18 -5.28
C LEU C 196 20.40 3.71 -6.53
N LEU C 197 20.08 4.33 -7.68
CA LEU C 197 20.71 4.03 -8.97
C LEU C 197 22.01 4.84 -9.17
N PRO C 198 22.86 4.50 -10.17
CA PRO C 198 24.11 5.21 -10.41
C PRO C 198 23.84 6.65 -10.84
N ASP C 199 24.76 7.56 -10.50
CA ASP C 199 24.63 8.98 -10.84
C ASP C 199 24.32 9.28 -12.32
N SER C 200 24.94 8.55 -13.25
CA SER C 200 24.68 8.80 -14.67
C SER C 200 23.23 8.59 -15.13
N GLU C 201 22.54 7.60 -14.57
CA GLU C 201 21.17 7.31 -14.95
C GLU C 201 20.15 8.39 -14.55
N VAL C 202 20.62 9.41 -13.84
CA VAL C 202 19.74 10.51 -13.44
C VAL C 202 20.13 11.84 -14.12
N GLU C 203 20.88 12.70 -13.41
CA GLU C 203 21.30 14.00 -13.92
C GLU C 203 20.10 14.92 -14.10
N HIS C 204 19.19 14.56 -14.98
CA HIS C 204 18.00 15.36 -15.24
C HIS C 204 17.03 15.56 -14.07
N LEU C 205 17.27 14.89 -12.94
CA LEU C 205 16.38 15.04 -11.80
C LEU C 205 16.91 15.96 -10.73
N VAL C 206 18.13 16.43 -10.96
CA VAL C 206 18.78 17.33 -10.03
C VAL C 206 18.14 18.74 -10.02
N ILE C 207 18.16 19.37 -8.84
CA ILE C 207 17.60 20.69 -8.62
C ILE C 207 18.57 21.55 -7.81
N ASP C 208 18.96 22.67 -8.39
CA ASP C 208 19.88 23.59 -7.72
C ASP C 208 19.13 24.90 -7.49
N ARG C 209 18.59 25.06 -6.29
CA ARG C 209 17.86 26.27 -5.94
C ARG C 209 18.67 27.06 -4.95
N LYS C 210 18.41 28.35 -4.86
CA LYS C 210 19.14 29.20 -3.95
C LYS C 210 18.43 29.45 -2.63
N ASP C 211 17.50 28.57 -2.26
CA ASP C 211 16.77 28.68 -0.99
C ASP C 211 17.36 27.75 0.06
N LEU C 212 18.31 26.90 -0.35
CA LEU C 212 18.91 25.94 0.57
C LEU C 212 19.27 26.52 1.93
N VAL C 213 18.46 26.18 2.93
CA VAL C 213 18.71 26.62 4.28
C VAL C 213 19.07 25.40 5.09
N MET C 214 20.32 24.98 5.01
CA MET C 214 20.78 23.83 5.76
C MET C 214 20.51 24.10 7.25
N THR C 215 19.77 23.19 7.89
CA THR C 215 19.43 23.35 9.30
C THR C 215 19.94 22.23 10.21
N ASN C 216 20.74 21.30 9.66
CA ASN C 216 21.32 20.15 10.38
C ASN C 216 22.47 19.56 9.55
N GLN C 217 23.35 18.77 10.18
CA GLN C 217 24.50 18.17 9.48
C GLN C 217 24.25 16.72 9.09
N GLU C 218 24.96 16.24 8.08
CA GLU C 218 24.81 14.86 7.65
C GLU C 218 25.27 13.97 8.80
N ILE C 219 24.53 12.90 9.03
CA ILE C 219 24.89 11.98 10.09
C ILE C 219 25.95 11.03 9.54
N GLU C 220 26.68 10.37 10.44
CA GLU C 220 27.76 9.45 10.06
C GLU C 220 27.44 7.96 10.22
N GLN C 221 26.31 7.66 10.86
CA GLN C 221 25.89 6.29 11.05
C GLN C 221 24.41 6.15 10.70
N THR C 222 24.05 5.00 10.14
CA THR C 222 22.68 4.68 9.76
C THR C 222 21.72 4.68 10.96
N THR C 223 20.42 4.89 10.72
CA THR C 223 19.40 4.93 11.77
C THR C 223 18.04 4.69 11.14
N PRO C 224 17.15 3.97 11.82
CA PRO C 224 15.81 3.69 11.30
C PRO C 224 14.80 4.80 11.68
N LYS C 225 15.02 5.99 11.14
CA LYS C 225 14.15 7.15 11.36
C LYS C 225 14.45 8.19 10.29
N THR C 226 13.49 9.06 9.99
CA THR C 226 13.72 10.09 8.98
C THR C 226 14.58 11.19 9.59
N VAL C 227 15.68 11.55 8.94
CA VAL C 227 16.56 12.62 9.44
C VAL C 227 16.53 13.83 8.48
N ARG C 228 15.93 14.94 8.92
CA ARG C 228 15.82 16.17 8.10
C ARG C 228 17.12 17.00 8.08
N LEU C 229 17.53 17.44 6.90
CA LEU C 229 18.75 18.24 6.74
C LEU C 229 18.57 19.70 6.30
N GLY C 230 17.47 20.03 5.63
CA GLY C 230 17.25 21.39 5.16
C GLY C 230 15.87 21.68 4.62
N ILE C 231 15.65 22.95 4.26
CA ILE C 231 14.39 23.42 3.78
C ILE C 231 14.60 24.31 2.54
N VAL C 232 13.57 24.39 1.71
CA VAL C 232 13.58 25.21 0.53
C VAL C 232 12.28 25.96 0.74
N GLY C 233 12.19 27.18 0.24
CA GLY C 233 10.98 27.96 0.40
C GLY C 233 10.60 28.14 1.87
N LYS C 234 9.41 27.66 2.23
CA LYS C 234 8.90 27.77 3.60
C LYS C 234 8.85 26.44 4.34
N GLY C 235 9.45 25.40 3.77
CA GLY C 235 9.44 24.11 4.42
C GLY C 235 8.08 23.45 4.47
N GLY C 236 7.25 23.67 3.46
CA GLY C 236 5.94 23.04 3.40
C GLY C 236 6.07 21.68 2.70
N GLN C 237 4.95 21.04 2.38
CA GLN C 237 5.04 19.75 1.73
C GLN C 237 5.73 19.83 0.37
N GLY C 238 6.81 19.07 0.22
CA GLY C 238 7.54 19.04 -1.04
C GLY C 238 8.75 19.95 -1.08
N GLU C 239 9.01 20.66 0.02
CA GLU C 239 10.14 21.57 0.09
C GLU C 239 11.06 21.20 1.24
N ARG C 240 10.99 19.95 1.69
CA ARG C 240 11.79 19.43 2.78
C ARG C 240 12.77 18.42 2.18
N ILE C 241 14.02 18.48 2.62
CA ILE C 241 15.13 17.62 2.13
C ILE C 241 15.67 16.68 3.25
N TYR C 242 15.86 15.38 2.95
CA TYR C 242 16.31 14.37 3.93
C TYR C 242 17.63 13.64 3.63
N SER C 243 18.19 13.00 4.67
CA SER C 243 19.43 12.26 4.52
C SER C 243 19.19 10.87 3.95
N THR C 244 20.10 10.44 3.09
CA THR C 244 20.05 9.13 2.48
C THR C 244 20.55 8.06 3.45
N ARG C 245 20.81 8.47 4.69
CA ARG C 245 21.33 7.57 5.74
C ARG C 245 20.23 7.13 6.73
N GLY C 246 19.00 7.60 6.50
CA GLY C 246 17.87 7.23 7.32
C GLY C 246 16.88 6.49 6.42
N ILE C 247 15.59 6.74 6.59
CA ILE C 247 14.56 6.07 5.80
C ILE C 247 13.74 7.09 4.99
N ALA C 248 13.04 6.66 3.95
CA ALA C 248 12.23 7.56 3.13
C ALA C 248 10.90 7.95 3.80
N ILE C 249 10.32 9.06 3.36
CA ILE C 249 9.03 9.50 3.88
C ILE C 249 7.93 8.86 3.02
N THR C 250 6.70 8.99 3.46
CA THR C 250 5.58 8.42 2.73
C THR C 250 5.39 8.98 1.31
N LEU C 251 5.39 8.10 0.31
CA LEU C 251 5.16 8.49 -1.08
C LEU C 251 3.69 8.87 -1.21
N SER C 252 3.34 9.87 -2.04
CA SER C 252 1.93 10.27 -2.22
C SER C 252 1.47 10.39 -3.66
N ALA C 253 0.15 10.43 -3.88
CA ALA C 253 -0.42 10.49 -5.23
C ALA C 253 -0.75 11.84 -5.89
N TYR C 254 -1.27 12.80 -5.14
CA TYR C 254 -1.63 14.10 -5.71
C TYR C 254 -0.79 15.23 -5.12
N GLY C 255 0.35 14.89 -4.53
CA GLY C 255 1.19 15.89 -3.89
C GLY C 255 1.87 17.01 -4.68
N GLY C 256 2.32 18.04 -3.96
CA GLY C 256 2.97 19.18 -4.60
C GLY C 256 4.37 19.53 -4.11
N GLY C 257 4.81 20.76 -4.40
CA GLY C 257 6.14 21.18 -4.01
C GLY C 257 7.13 20.91 -5.13
N ILE C 258 8.29 21.55 -5.06
CA ILE C 258 9.27 21.36 -6.09
C ILE C 258 9.78 19.90 -6.10
N PHE C 259 9.83 19.26 -4.93
CA PHE C 259 10.24 17.84 -4.84
C PHE C 259 8.95 16.98 -4.70
N ALA C 260 8.00 17.21 -5.60
CA ALA C 260 6.72 16.52 -5.55
C ALA C 260 6.72 15.01 -5.43
N LYS C 261 5.69 14.52 -4.74
CA LYS C 261 5.39 13.11 -4.48
C LYS C 261 6.44 12.15 -3.90
N THR C 262 7.71 12.53 -3.86
CA THR C 262 8.73 11.62 -3.33
C THR C 262 9.56 12.26 -2.22
N GLY C 263 9.70 13.58 -2.28
CA GLY C 263 10.50 14.33 -1.33
C GLY C 263 11.88 14.52 -1.95
N GLY C 264 12.74 15.32 -1.32
CA GLY C 264 14.09 15.52 -1.85
C GLY C 264 15.15 14.88 -0.97
N TYR C 265 16.27 14.44 -1.57
CA TYR C 265 17.35 13.78 -0.81
C TYR C 265 18.75 14.32 -1.18
N LEU C 266 19.66 14.38 -0.20
CA LEU C 266 21.04 14.84 -0.42
C LEU C 266 21.92 13.66 -0.88
N VAL C 267 22.23 13.62 -2.18
CA VAL C 267 23.01 12.53 -2.76
C VAL C 267 24.34 13.00 -3.38
N ASN C 268 25.44 12.46 -2.89
CA ASN C 268 26.80 12.79 -3.37
C ASN C 268 27.03 14.29 -3.62
N GLY C 269 26.52 15.13 -2.73
CA GLY C 269 26.70 16.56 -2.87
C GLY C 269 25.60 17.40 -3.49
N LYS C 270 24.61 16.78 -4.12
CA LYS C 270 23.50 17.52 -4.74
C LYS C 270 22.12 17.11 -4.20
N THR C 271 21.09 17.92 -4.45
CA THR C 271 19.74 17.59 -4.00
C THR C 271 18.83 17.20 -5.17
N ARG C 272 18.09 16.10 -5.05
CA ARG C 272 17.19 15.65 -6.11
C ARG C 272 16.04 14.79 -5.59
N LYS C 273 15.02 14.58 -6.42
CA LYS C 273 13.89 13.73 -6.04
C LYS C 273 14.16 12.29 -6.53
N LEU C 274 13.30 11.33 -6.19
CA LEU C 274 13.54 9.93 -6.60
C LEU C 274 13.04 9.60 -8.01
N HIS C 275 13.64 8.57 -8.60
CA HIS C 275 13.30 8.08 -9.95
C HIS C 275 12.21 7.01 -9.77
N PRO C 276 11.35 6.79 -10.79
CA PRO C 276 10.29 5.78 -10.66
C PRO C 276 10.76 4.40 -10.20
N ARG C 277 11.95 4.01 -10.61
CA ARG C 277 12.50 2.70 -10.22
C ARG C 277 12.87 2.70 -8.75
N GLU C 278 13.34 3.83 -8.23
CA GLU C 278 13.67 3.89 -6.81
C GLU C 278 12.36 3.91 -6.02
N CYS C 279 11.28 4.37 -6.65
CA CYS C 279 9.98 4.39 -6.01
C CYS C 279 9.51 2.93 -5.92
N ALA C 280 9.73 2.16 -7.00
CA ALA C 280 9.34 0.76 -7.02
C ALA C 280 10.04 0.05 -5.89
N ARG C 281 11.33 0.31 -5.76
CA ARG C 281 12.11 -0.30 -4.71
C ARG C 281 11.68 0.08 -3.29
N VAL C 282 11.49 1.36 -2.97
CA VAL C 282 11.06 1.67 -1.61
C VAL C 282 9.64 1.16 -1.32
N MET C 283 8.97 0.60 -2.33
CA MET C 283 7.62 0.04 -2.14
C MET C 283 7.63 -1.50 -2.21
N GLY C 284 8.82 -2.07 -2.28
CA GLY C 284 8.93 -3.51 -2.34
C GLY C 284 8.76 -4.20 -3.68
N TYR C 285 8.62 -3.47 -4.79
CA TYR C 285 8.47 -4.11 -6.11
C TYR C 285 9.80 -4.66 -6.70
N PRO C 286 9.74 -5.78 -7.42
CA PRO C 286 10.93 -6.40 -8.05
C PRO C 286 11.33 -5.68 -9.35
N ASP C 287 12.64 -5.67 -9.67
CA ASP C 287 13.12 -4.99 -10.87
C ASP C 287 12.51 -5.49 -12.18
N SER C 288 11.81 -6.61 -12.15
CA SER C 288 11.17 -7.15 -13.35
C SER C 288 9.78 -6.60 -13.63
N TYR C 289 9.25 -5.72 -12.76
CA TYR C 289 7.93 -5.14 -12.97
C TYR C 289 8.12 -4.00 -13.95
N LYS C 290 7.25 -3.91 -14.94
CA LYS C 290 7.34 -2.86 -15.94
C LYS C 290 6.53 -1.63 -15.53
N VAL C 291 7.17 -0.47 -15.48
CA VAL C 291 6.49 0.77 -15.09
C VAL C 291 5.88 1.45 -16.32
N HIS C 292 4.91 2.33 -16.09
CA HIS C 292 4.26 3.05 -17.18
C HIS C 292 5.25 4.03 -17.83
N PRO C 293 5.18 4.20 -19.16
CA PRO C 293 6.08 5.12 -19.89
C PRO C 293 5.96 6.61 -19.56
N SER C 294 4.83 7.01 -18.98
CA SER C 294 4.65 8.41 -18.61
C SER C 294 5.10 8.55 -17.17
N THR C 295 6.19 9.26 -16.93
CA THR C 295 6.67 9.39 -15.56
C THR C 295 5.65 10.02 -14.63
N SER C 296 4.88 10.97 -15.14
CA SER C 296 3.89 11.67 -14.31
C SER C 296 2.84 10.73 -13.72
N GLN C 297 2.39 9.76 -14.52
CA GLN C 297 1.39 8.80 -14.08
C GLN C 297 2.02 7.69 -13.22
N ALA C 298 3.29 7.40 -13.47
CA ALA C 298 3.99 6.39 -12.70
C ALA C 298 4.04 6.83 -11.23
N TYR C 299 4.41 8.08 -10.99
CA TYR C 299 4.48 8.63 -9.63
C TYR C 299 3.14 8.54 -8.90
N LYS C 300 2.05 8.88 -9.58
CA LYS C 300 0.73 8.80 -9.00
C LYS C 300 0.38 7.35 -8.60
N GLN C 301 0.78 6.38 -9.42
CA GLN C 301 0.48 4.97 -9.12
C GLN C 301 1.25 4.39 -7.93
N PHE C 302 2.55 4.63 -7.85
CA PHE C 302 3.29 4.12 -6.70
C PHE C 302 2.86 4.77 -5.41
N GLY C 303 2.32 5.97 -5.49
CA GLY C 303 1.89 6.67 -4.29
C GLY C 303 0.58 6.23 -3.70
N ASN C 304 -0.26 5.60 -4.51
CA ASN C 304 -1.56 5.08 -4.06
C ASN C 304 -1.34 3.63 -3.63
N SER C 305 -0.18 3.08 -3.98
CA SER C 305 0.06 1.67 -3.72
C SER C 305 0.26 1.13 -2.33
N VAL C 306 0.62 -0.14 -2.29
CA VAL C 306 0.80 -0.90 -1.08
C VAL C 306 2.19 -1.56 -1.08
N VAL C 307 2.81 -1.67 0.10
CA VAL C 307 4.14 -2.29 0.25
C VAL C 307 4.04 -3.83 0.29
N ILE C 308 4.54 -4.50 -0.76
CA ILE C 308 4.49 -5.96 -0.89
C ILE C 308 4.93 -6.80 0.32
N ASN C 309 6.13 -6.54 0.84
CA ASN C 309 6.67 -7.33 1.94
C ASN C 309 5.68 -7.51 3.09
N VAL C 310 5.08 -6.44 3.57
CA VAL C 310 4.11 -6.55 4.67
C VAL C 310 2.88 -7.38 4.31
N LEU C 311 2.39 -7.28 3.08
CA LEU C 311 1.23 -8.05 2.67
C LEU C 311 1.60 -9.51 2.57
N GLN C 312 2.88 -9.80 2.35
CA GLN C 312 3.34 -11.18 2.24
C GLN C 312 3.34 -11.88 3.60
N TYR C 313 3.92 -11.27 4.63
CA TYR C 313 3.92 -11.89 5.95
C TYR C 313 2.50 -12.05 6.47
N ILE C 314 1.58 -11.13 6.16
CA ILE C 314 0.21 -11.23 6.67
C ILE C 314 -0.54 -12.34 5.96
N ALA C 315 -0.36 -12.44 4.65
CA ALA C 315 -1.03 -13.49 3.87
C ALA C 315 -0.63 -14.88 4.34
N TYR C 316 0.65 -15.10 4.60
CA TYR C 316 1.16 -16.40 5.05
C TYR C 316 0.46 -16.79 6.35
N ASN C 317 0.22 -15.80 7.22
CA ASN C 317 -0.45 -16.05 8.50
C ASN C 317 -1.95 -16.33 8.33
N ILE C 318 -2.54 -15.95 7.21
CA ILE C 318 -3.97 -16.25 6.97
C ILE C 318 -4.06 -17.75 6.63
N GLY C 319 -3.15 -18.22 5.77
CA GLY C 319 -3.11 -19.62 5.39
C GLY C 319 -2.79 -20.58 6.54
N SER C 320 -1.85 -20.22 7.42
CA SER C 320 -1.56 -21.12 8.53
C SER C 320 -2.83 -21.48 9.29
N SER C 321 -3.64 -20.47 9.60
CA SER C 321 -4.90 -20.64 10.32
C SER C 321 -5.94 -21.48 9.58
N LEU C 322 -6.11 -21.21 8.29
CA LEU C 322 -7.04 -21.99 7.49
C LEU C 322 -6.62 -23.47 7.41
N ASN C 323 -5.33 -23.74 7.57
CA ASN C 323 -4.82 -25.10 7.45
C ASN C 323 -4.70 -25.93 8.73
N PHE C 324 -5.00 -25.33 9.87
CA PHE C 324 -4.93 -26.02 11.16
C PHE C 324 -6.30 -26.65 11.47
N LYS C 325 -6.50 -27.88 10.99
CA LYS C 325 -7.76 -28.59 11.22
C LYS C 325 -7.50 -29.97 11.83
N PRO C 326 -7.16 -30.02 13.13
CA PRO C 326 -6.90 -31.29 13.83
C PRO C 326 -8.20 -32.04 14.13
N TYR C 327 -8.09 -33.30 14.57
CA TYR C 327 -9.24 -34.13 14.93
C TYR C 327 -9.56 -33.94 16.39
N SAH D . -3.94 -1.46 -3.76
CA SAH D . -3.79 -0.75 -5.03
CB SAH D . -4.10 0.76 -4.94
CG SAH D . -5.52 1.09 -4.51
SD SAH D . -5.89 2.89 -4.46
C SAH D . -2.33 -0.96 -5.44
O SAH D . -1.80 -2.12 -5.21
OXT SAH D . -1.88 -0.17 -6.38
C5' SAH D . -7.60 3.04 -5.02
C4' SAH D . -7.98 2.65 -6.47
O4' SAH D . -9.40 2.64 -6.66
C3' SAH D . -7.44 3.68 -7.52
O3' SAH D . -6.56 2.96 -8.41
C2' SAH D . -8.74 4.21 -8.14
O2' SAH D . -8.47 4.59 -9.51
C1' SAH D . -9.70 2.99 -8.01
N9 SAH D . -11.15 3.38 -8.00
C8 SAH D . -11.65 4.51 -7.37
N7 SAH D . -12.92 4.66 -7.47
C5 SAH D . -13.35 3.55 -8.22
C6 SAH D . -14.66 3.17 -8.67
N6 SAH D . -15.75 3.96 -8.49
N1 SAH D . -14.76 2.03 -9.39
C2 SAH D . -13.61 1.33 -9.65
N3 SAH D . -12.34 1.60 -9.31
C4 SAH D . -12.28 2.75 -8.56
#